data_2CTC
#
_entry.id   2CTC
#
_cell.length_a   51.600
_cell.length_b   60.270
_cell.length_c   47.250
_cell.angle_alpha   90.00
_cell.angle_beta   97.27
_cell.angle_gamma   90.00
#
_symmetry.space_group_name_H-M   'P 1 21 1'
#
loop_
_entity.id
_entity.type
_entity.pdbx_description
1 polymer 'CARBOXYPEPTIDASE A'
2 non-polymer 'ZINC ION'
3 non-polymer 'ALPHA-HYDROXY-BETA-PHENYL-PROPIONIC ACID'
4 water water
#
_entity_poly.entity_id   1
_entity_poly.type   'polypeptide(L)'
_entity_poly.pdbx_seq_one_letter_code
;ARSTNTFNYATYHTLDEIYDFMDLLVAEHPQLVSKLQIGRSYEGRPIYVLKFSTGGSNRPAIWIDLGIHSREWITQATGV
WFAKKFTEDYGQDPSFTAILDSMDIFLEIVTNPDGFAFTHSQNRLWRKTRSVTSSSLCVGVDANRNWDAGFGKAGASSSP
CSETYHGKYANSEVEVKSIVDFVKDHGNFKAFLSIHSYSQLLLYPYGYTTQSIPDKTELNQVAKSAVEALKSLYGTSYKY
GSIITTIYQASGGSIDWSYNQGIKYSFTFELRDTGRYGFLLPASQIIPTAQETWLGVLTIMEHTLNN
;
_entity_poly.pdbx_strand_id   A
#
loop_
_chem_comp.id
_chem_comp.type
_chem_comp.name
_chem_comp.formula
ZN non-polymer 'ZINC ION' 'Zn 2'
#
# COMPACT_ATOMS: atom_id res chain seq x y z
N ALA A 1 2.10 18.32 16.64
CA ALA A 1 2.96 17.26 17.14
C ALA A 1 4.40 17.75 16.92
N ARG A 2 5.10 17.92 18.04
CA ARG A 2 6.48 18.38 18.12
C ARG A 2 7.48 17.23 18.09
N SER A 3 6.98 16.03 18.35
CA SER A 3 7.77 14.79 18.38
C SER A 3 6.89 13.69 17.83
N THR A 4 7.50 12.65 17.29
CA THR A 4 6.65 11.53 16.81
C THR A 4 6.03 10.90 18.04
N ASN A 5 6.55 11.19 19.24
CA ASN A 5 5.97 10.66 20.47
C ASN A 5 4.74 11.46 20.93
N THR A 6 4.51 12.63 20.36
CA THR A 6 3.33 13.37 20.74
C THR A 6 2.28 13.38 19.61
N PHE A 7 2.65 12.78 18.47
CA PHE A 7 1.69 12.74 17.34
C PHE A 7 0.52 11.86 17.78
N ASN A 8 -0.69 12.21 17.36
CA ASN A 8 -1.89 11.42 17.73
C ASN A 8 -2.19 10.37 16.65
N TYR A 9 -1.81 9.15 16.98
CA TYR A 9 -2.00 8.00 16.06
C TYR A 9 -3.45 7.52 16.02
N ALA A 10 -4.26 7.99 16.97
CA ALA A 10 -5.66 7.58 17.06
C ALA A 10 -6.67 8.53 16.44
N THR A 11 -6.18 9.31 15.49
CA THR A 11 -7.04 10.24 14.78
C THR A 11 -6.54 10.28 13.34
N TYR A 12 -7.43 10.77 12.47
CA TYR A 12 -7.12 10.92 11.03
C TYR A 12 -6.48 12.29 10.81
N HIS A 13 -5.48 12.31 9.95
CA HIS A 13 -4.75 13.56 9.73
C HIS A 13 -4.80 14.07 8.31
N THR A 14 -4.39 15.31 8.09
CA THR A 14 -4.33 15.91 6.78
C THR A 14 -2.98 15.56 6.15
N LEU A 15 -2.87 15.93 4.87
CA LEU A 15 -1.63 15.70 4.13
C LEU A 15 -0.41 16.37 4.77
N ASP A 16 -0.56 17.64 5.19
CA ASP A 16 0.56 18.37 5.80
C ASP A 16 1.03 17.74 7.12
N GLU A 17 0.05 17.32 7.88
CA GLU A 17 0.40 16.65 9.15
C GLU A 17 1.22 15.39 8.89
N ILE A 18 0.81 14.64 7.86
CA ILE A 18 1.56 13.40 7.55
C ILE A 18 2.92 13.71 6.99
N TYR A 19 3.02 14.75 6.13
CA TYR A 19 4.35 15.09 5.57
C TYR A 19 5.27 15.62 6.68
N ASP A 20 4.70 16.37 7.62
CA ASP A 20 5.50 16.90 8.75
C ASP A 20 5.97 15.72 9.60
N PHE A 21 5.07 14.76 9.81
CA PHE A 21 5.42 13.55 10.60
C PHE A 21 6.65 12.87 10.00
N MET A 22 6.74 12.74 8.67
CA MET A 22 7.87 12.11 8.02
C MET A 22 9.19 12.78 8.38
N ASP A 23 9.15 14.11 8.37
CA ASP A 23 10.41 14.81 8.74
C ASP A 23 10.72 14.62 10.21
N LEU A 24 9.72 14.57 11.07
CA LEU A 24 10.03 14.34 12.50
C LEU A 24 10.72 12.98 12.63
N LEU A 25 10.16 11.98 11.97
CA LEU A 25 10.74 10.63 12.10
C LEU A 25 12.19 10.49 11.66
N VAL A 26 12.51 11.12 10.54
CA VAL A 26 13.85 11.09 9.96
C VAL A 26 14.83 11.79 10.92
N ALA A 27 14.35 12.92 11.43
CA ALA A 27 15.14 13.70 12.40
C ALA A 27 15.48 12.88 13.63
N GLU A 28 14.54 12.11 14.15
CA GLU A 28 14.69 11.28 15.32
C GLU A 28 15.44 9.98 15.10
N HIS A 29 15.47 9.42 13.90
CA HIS A 29 16.14 8.16 13.64
C HIS A 29 16.90 8.22 12.34
N PRO A 30 17.83 9.15 12.30
CA PRO A 30 18.61 9.42 11.11
C PRO A 30 19.40 8.26 10.54
N GLN A 31 19.74 7.38 11.44
CA GLN A 31 20.55 6.20 11.09
C GLN A 31 19.72 5.06 10.52
N LEU A 32 18.40 5.14 10.72
CA LEU A 32 17.52 4.06 10.24
C LEU A 32 16.56 4.46 9.12
N VAL A 33 16.20 5.72 9.15
CA VAL A 33 15.19 6.13 8.15
C VAL A 33 15.63 7.31 7.31
N SER A 34 15.25 7.26 6.05
CA SER A 34 15.53 8.33 5.09
C SER A 34 14.23 8.61 4.32
N LYS A 35 14.05 9.83 3.89
CA LYS A 35 12.90 10.23 3.11
C LYS A 35 13.36 10.43 1.69
N LEU A 36 12.81 9.70 0.73
CA LEU A 36 13.13 9.81 -0.70
C LEU A 36 11.91 10.42 -1.41
N GLN A 37 12.14 11.28 -2.40
CA GLN A 37 11.09 11.88 -3.22
C GLN A 37 11.24 11.14 -4.55
N ILE A 38 10.27 10.34 -4.91
CA ILE A 38 10.32 9.55 -6.13
C ILE A 38 9.58 10.21 -7.29
N GLY A 39 8.89 11.33 -7.04
CA GLY A 39 8.21 12.00 -8.15
C GLY A 39 7.40 13.15 -7.56
N ARG A 40 6.54 13.67 -8.44
CA ARG A 40 5.61 14.73 -8.11
C ARG A 40 4.24 14.33 -8.69
N SER A 41 3.22 14.61 -7.92
CA SER A 41 1.86 14.29 -8.38
C SER A 41 1.43 15.19 -9.53
N TYR A 42 0.24 14.88 -10.06
CA TYR A 42 -0.32 15.67 -11.16
C TYR A 42 -0.41 17.14 -10.74
N GLU A 43 -0.87 17.38 -9.52
CA GLU A 43 -0.98 18.78 -9.00
C GLU A 43 0.31 19.27 -8.35
N GLY A 44 1.42 18.59 -8.58
CA GLY A 44 2.74 18.97 -8.18
C GLY A 44 3.17 18.72 -6.76
N ARG A 45 2.41 17.94 -5.98
CA ARG A 45 2.82 17.63 -4.60
C ARG A 45 3.91 16.57 -4.65
N PRO A 46 4.90 16.65 -3.77
CA PRO A 46 5.95 15.65 -3.79
C PRO A 46 5.33 14.30 -3.35
N ILE A 47 5.93 13.29 -3.94
CA ILE A 47 5.61 11.85 -3.68
C ILE A 47 6.81 11.30 -2.88
N TYR A 48 6.51 10.95 -1.63
CA TYR A 48 7.58 10.50 -0.73
C TYR A 48 7.49 9.04 -0.31
N VAL A 49 8.69 8.48 -0.22
CA VAL A 49 8.79 7.10 0.24
C VAL A 49 9.73 7.10 1.46
N LEU A 50 9.43 6.41 2.52
CA LEU A 50 10.38 6.30 3.65
C LEU A 50 11.20 5.01 3.45
N LYS A 51 12.52 5.10 3.55
CA LYS A 51 13.37 3.94 3.41
C LYS A 51 13.91 3.62 4.82
N PHE A 52 13.68 2.39 5.26
CA PHE A 52 14.15 1.87 6.55
C PHE A 52 15.28 0.91 6.22
N SER A 53 16.50 1.17 6.77
CA SER A 53 17.65 0.32 6.43
C SER A 53 18.75 0.44 7.51
N THR A 54 19.42 -0.67 7.68
CA THR A 54 20.54 -0.71 8.67
C THR A 54 21.89 -0.70 7.94
N GLY A 55 21.87 -0.45 6.66
CA GLY A 55 23.02 -0.38 5.78
C GLY A 55 22.97 -1.26 4.56
N GLY A 56 24.19 -1.64 4.19
CA GLY A 56 24.46 -2.47 3.04
C GLY A 56 24.25 -1.61 1.78
N SER A 57 24.39 -2.36 0.68
CA SER A 57 24.21 -1.77 -0.64
C SER A 57 23.21 -2.66 -1.39
N ASN A 58 22.16 -1.98 -1.79
CA ASN A 58 21.04 -2.58 -2.48
C ASN A 58 20.64 -3.99 -1.99
N ARG A 59 20.31 -3.96 -0.69
CA ARG A 59 19.87 -5.17 -0.03
C ARG A 59 18.51 -5.49 -0.66
N PRO A 60 18.14 -6.75 -0.58
CA PRO A 60 16.81 -7.18 -1.06
C PRO A 60 15.85 -6.34 -0.21
N ALA A 61 14.75 -5.96 -0.86
CA ALA A 61 13.80 -5.06 -0.20
C ALA A 61 12.35 -5.53 -0.30
N ILE A 62 11.62 -4.86 0.56
CA ILE A 62 10.16 -5.02 0.68
C ILE A 62 9.52 -3.66 0.37
N TRP A 63 8.55 -3.66 -0.53
CA TRP A 63 7.78 -2.45 -0.86
C TRP A 63 6.40 -2.51 -0.20
N ILE A 64 5.97 -1.43 0.41
CA ILE A 64 4.64 -1.34 1.00
C ILE A 64 4.02 0.02 0.60
N ASP A 65 2.87 -0.04 -0.06
CA ASP A 65 2.23 1.27 -0.38
C ASP A 65 0.82 1.26 0.22
N LEU A 66 0.37 2.43 0.59
CA LEU A 66 -0.93 2.71 1.19
C LEU A 66 -1.56 3.93 0.53
N GLY A 67 -2.89 4.01 0.59
CA GLY A 67 -3.54 5.23 0.02
C GLY A 67 -3.59 5.36 -1.47
N ILE A 68 -3.44 4.31 -2.27
CA ILE A 68 -3.56 4.52 -3.74
C ILE A 68 -4.98 5.01 -4.05
N HIS A 69 -5.97 4.58 -3.29
CA HIS A 69 -7.38 5.03 -3.39
C HIS A 69 -7.56 5.97 -2.19
N SER A 70 -7.69 7.27 -2.50
CA SER A 70 -7.66 8.29 -1.46
C SER A 70 -8.65 8.19 -0.33
N ARG A 71 -9.88 7.76 -0.56
CA ARG A 71 -10.91 7.70 0.49
C ARG A 71 -10.70 6.60 1.53
N GLU A 72 -9.75 5.69 1.26
CA GLU A 72 -9.51 4.57 2.20
C GLU A 72 -8.59 5.06 3.32
N TRP A 73 -9.08 6.04 4.06
CA TRP A 73 -8.33 6.71 5.13
C TRP A 73 -7.66 5.81 6.15
N ILE A 74 -8.25 4.63 6.40
CA ILE A 74 -7.64 3.68 7.37
C ILE A 74 -6.24 3.26 6.89
N THR A 75 -6.04 3.26 5.58
CA THR A 75 -4.70 2.85 5.06
C THR A 75 -3.61 3.90 5.36
N GLN A 76 -3.85 5.18 5.09
CA GLN A 76 -2.77 6.17 5.39
C GLN A 76 -2.52 6.19 6.89
N ALA A 77 -3.57 6.04 7.69
CA ALA A 77 -3.46 6.04 9.16
C ALA A 77 -2.61 4.88 9.63
N THR A 78 -2.82 3.69 9.03
CA THR A 78 -2.04 2.48 9.34
C THR A 78 -0.57 2.67 8.90
N GLY A 79 -0.37 3.38 7.77
CA GLY A 79 0.99 3.61 7.25
C GLY A 79 1.79 4.44 8.24
N VAL A 80 1.16 5.49 8.79
CA VAL A 80 1.88 6.34 9.79
C VAL A 80 2.25 5.50 11.00
N TRP A 81 1.32 4.68 11.48
CA TRP A 81 1.54 3.80 12.64
C TRP A 81 2.68 2.83 12.31
N PHE A 82 2.68 2.21 11.12
CA PHE A 82 3.75 1.30 10.73
C PHE A 82 5.14 1.99 10.78
N ALA A 83 5.21 3.21 10.27
CA ALA A 83 6.51 3.94 10.24
C ALA A 83 7.08 4.06 11.65
N LYS A 84 6.19 4.45 12.57
CA LYS A 84 6.61 4.59 13.96
C LYS A 84 7.03 3.24 14.53
N LYS A 85 6.18 2.24 14.30
CA LYS A 85 6.43 0.88 14.82
C LYS A 85 7.76 0.34 14.36
N PHE A 86 8.16 0.59 13.11
CA PHE A 86 9.45 0.07 12.64
C PHE A 86 10.62 0.56 13.50
N THR A 87 10.54 1.86 13.83
CA THR A 87 11.58 2.51 14.65
C THR A 87 11.54 2.06 16.10
N GLU A 88 10.39 1.64 16.60
CA GLU A 88 10.25 1.15 17.95
C GLU A 88 10.72 -0.27 18.15
N ASP A 89 10.40 -1.12 17.19
CA ASP A 89 10.71 -2.54 17.24
C ASP A 89 12.08 -3.00 16.87
N TYR A 90 12.78 -2.11 16.14
CA TYR A 90 14.16 -2.50 15.76
C TYR A 90 15.01 -2.50 17.06
N GLY A 91 15.57 -3.67 17.34
CA GLY A 91 16.38 -3.94 18.52
C GLY A 91 15.57 -4.46 19.70
N GLN A 92 14.26 -4.50 19.58
CA GLN A 92 13.40 -4.98 20.67
C GLN A 92 12.77 -6.31 20.33
N ASP A 93 12.25 -6.40 19.11
CA ASP A 93 11.58 -7.59 18.59
C ASP A 93 12.61 -8.36 17.79
N PRO A 94 12.93 -9.57 18.22
CA PRO A 94 13.94 -10.38 17.57
C PRO A 94 13.69 -10.63 16.11
N SER A 95 12.40 -10.86 15.86
CA SER A 95 12.05 -11.18 14.47
C SER A 95 12.18 -10.02 13.49
N PHE A 96 11.58 -8.91 13.91
CA PHE A 96 11.67 -7.68 13.11
C PHE A 96 13.16 -7.23 13.03
N THR A 97 13.91 -7.35 14.13
CA THR A 97 15.33 -6.96 14.09
C THR A 97 16.07 -7.80 13.04
N ALA A 98 15.82 -9.12 13.00
CA ALA A 98 16.52 -9.96 12.00
C ALA A 98 16.20 -9.53 10.55
N ILE A 99 14.92 -9.10 10.35
CA ILE A 99 14.54 -8.67 9.02
C ILE A 99 15.31 -7.41 8.59
N LEU A 100 15.27 -6.38 9.45
CA LEU A 100 15.92 -5.12 9.08
C LEU A 100 17.46 -5.22 8.97
N ASP A 101 17.98 -6.23 9.68
CA ASP A 101 19.44 -6.47 9.64
C ASP A 101 19.89 -7.02 8.30
N SER A 102 18.96 -7.53 7.53
CA SER A 102 19.26 -8.10 6.22
C SER A 102 18.49 -7.53 5.04
N MET A 103 17.40 -6.80 5.32
CA MET A 103 16.58 -6.27 4.22
C MET A 103 16.20 -4.84 4.46
N ASP A 104 15.86 -4.15 3.34
CA ASP A 104 15.43 -2.75 3.45
C ASP A 104 13.90 -2.70 3.30
N ILE A 105 13.26 -1.75 3.91
CA ILE A 105 11.78 -1.63 3.75
C ILE A 105 11.48 -0.26 3.14
N PHE A 106 10.71 -0.25 2.07
CA PHE A 106 10.32 1.05 1.44
C PHE A 106 8.84 1.24 1.71
N LEU A 107 8.42 2.31 2.33
CA LEU A 107 7.03 2.58 2.71
C LEU A 107 6.48 3.85 2.09
N GLU A 108 5.42 3.71 1.28
CA GLU A 108 4.79 4.88 0.65
C GLU A 108 3.45 5.08 1.32
N ILE A 109 3.39 6.02 2.27
CA ILE A 109 2.21 6.27 3.06
C ILE A 109 1.05 6.90 2.29
N VAL A 110 1.38 7.83 1.40
CA VAL A 110 0.31 8.55 0.67
C VAL A 110 0.63 8.41 -0.81
N THR A 111 0.15 7.31 -1.41
CA THR A 111 0.45 7.04 -2.82
C THR A 111 -0.24 8.00 -3.78
N ASN A 112 -1.36 8.54 -3.36
CA ASN A 112 -2.17 9.44 -4.18
C ASN A 112 -2.45 10.70 -3.35
N PRO A 113 -1.45 11.59 -3.31
CA PRO A 113 -1.60 12.82 -2.53
C PRO A 113 -2.68 13.80 -3.00
N ASP A 114 -2.86 13.89 -4.34
CA ASP A 114 -3.89 14.86 -4.83
C ASP A 114 -5.30 14.42 -4.44
N GLY A 115 -5.53 13.10 -4.59
CA GLY A 115 -6.87 12.61 -4.19
C GLY A 115 -7.03 12.75 -2.70
N PHE A 116 -5.96 12.52 -1.90
CA PHE A 116 -6.08 12.62 -0.44
C PHE A 116 -6.46 14.07 -0.02
N ALA A 117 -5.77 15.02 -0.64
CA ALA A 117 -6.09 16.43 -0.32
C ALA A 117 -7.56 16.74 -0.67
N PHE A 118 -8.04 16.20 -1.79
CA PHE A 118 -9.42 16.38 -2.24
C PHE A 118 -10.45 15.78 -1.27
N THR A 119 -10.09 14.63 -0.64
CA THR A 119 -10.99 13.97 0.30
C THR A 119 -11.15 14.87 1.54
N HIS A 120 -10.13 15.67 1.80
CA HIS A 120 -10.22 16.56 2.97
C HIS A 120 -10.97 17.86 2.65
N SER A 121 -10.74 18.38 1.44
CA SER A 121 -11.35 19.67 1.07
C SER A 121 -12.71 19.65 0.42
N GLN A 122 -13.03 18.71 -0.44
CA GLN A 122 -14.26 18.64 -1.16
C GLN A 122 -15.09 17.38 -1.17
N ASN A 123 -14.47 16.22 -1.34
CA ASN A 123 -15.30 15.01 -1.43
C ASN A 123 -14.60 13.86 -0.71
N ARG A 124 -15.10 13.61 0.48
CA ARG A 124 -14.53 12.55 1.34
C ARG A 124 -14.45 11.19 0.69
N LEU A 125 -15.32 10.90 -0.28
CA LEU A 125 -15.33 9.60 -0.95
C LEU A 125 -14.61 9.53 -2.30
N TRP A 126 -13.80 10.54 -2.62
CA TRP A 126 -13.02 10.53 -3.86
C TRP A 126 -12.04 9.33 -3.83
N ARG A 127 -12.02 8.58 -4.93
CA ARG A 127 -11.16 7.42 -5.11
C ARG A 127 -9.95 7.58 -6.06
N LYS A 128 -10.15 8.29 -7.16
CA LYS A 128 -9.18 8.43 -8.22
C LYS A 128 -8.10 9.49 -8.01
N THR A 129 -7.25 9.59 -9.04
CA THR A 129 -6.24 10.68 -9.03
C THR A 129 -7.06 11.95 -9.37
N ARG A 130 -6.30 13.01 -9.65
CA ARG A 130 -6.96 14.29 -10.04
C ARG A 130 -6.49 14.78 -11.41
N SER A 131 -6.01 13.89 -12.27
CA SER A 131 -5.57 14.23 -13.60
C SER A 131 -6.81 14.64 -14.41
N VAL A 132 -6.54 15.59 -15.31
CA VAL A 132 -7.62 16.11 -16.16
C VAL A 132 -7.57 15.29 -17.44
N THR A 133 -8.71 14.68 -17.69
CA THR A 133 -8.96 13.82 -18.85
C THR A 133 -9.38 14.76 -19.99
N SER A 134 -8.55 14.81 -21.00
CA SER A 134 -8.73 15.66 -22.18
C SER A 134 -10.12 15.90 -22.77
N SER A 135 -10.69 14.82 -23.31
CA SER A 135 -12.00 14.87 -23.96
C SER A 135 -13.16 14.57 -23.01
N SER A 136 -13.10 15.12 -21.81
CA SER A 136 -14.10 14.91 -20.76
C SER A 136 -14.08 15.95 -19.67
N LEU A 137 -15.21 16.02 -19.01
CA LEU A 137 -15.48 16.91 -17.87
C LEU A 137 -15.16 16.23 -16.54
N CYS A 138 -15.00 14.91 -16.68
CA CYS A 138 -14.71 14.02 -15.56
C CYS A 138 -13.20 14.02 -15.30
N VAL A 139 -12.88 14.09 -14.01
CA VAL A 139 -11.48 14.12 -13.55
C VAL A 139 -11.01 12.80 -12.93
N GLY A 140 -9.74 12.50 -13.19
CA GLY A 140 -9.12 11.35 -12.56
C GLY A 140 -9.20 9.98 -13.14
N VAL A 141 -8.20 9.19 -12.71
CA VAL A 141 -8.03 7.78 -13.12
C VAL A 141 -7.96 6.90 -11.90
N ASP A 142 -8.44 5.64 -11.98
CA ASP A 142 -8.30 4.74 -10.82
C ASP A 142 -6.85 4.24 -10.95
N ALA A 143 -5.99 4.71 -10.02
CA ALA A 143 -4.55 4.35 -10.15
C ALA A 143 -4.32 2.83 -9.99
N ASN A 144 -5.33 2.11 -9.45
CA ASN A 144 -5.20 0.66 -9.29
C ASN A 144 -5.80 -0.10 -10.49
N ARG A 145 -5.99 0.63 -11.58
CA ARG A 145 -6.41 0.00 -12.86
C ARG A 145 -5.46 0.48 -13.96
N ASN A 146 -4.44 1.27 -13.59
CA ASN A 146 -3.51 1.88 -14.57
C ASN A 146 -2.20 1.17 -14.82
N TRP A 147 -1.95 0.03 -14.18
CA TRP A 147 -0.69 -0.71 -14.29
C TRP A 147 -0.73 -1.59 -15.54
N ASP A 148 0.49 -1.91 -15.96
CA ASP A 148 0.65 -2.70 -17.18
C ASP A 148 0.53 -4.17 -16.84
N ALA A 149 -0.67 -4.63 -16.57
CA ALA A 149 -0.95 -6.04 -16.22
C ALA A 149 -2.38 -6.25 -16.70
N GLY A 150 -2.48 -6.77 -17.94
CA GLY A 150 -3.82 -6.96 -18.54
C GLY A 150 -4.53 -5.60 -18.65
N PHE A 151 -3.70 -4.55 -18.88
CA PHE A 151 -4.22 -3.21 -19.01
C PHE A 151 -5.37 -3.15 -20.02
N GLY A 152 -6.45 -2.53 -19.62
CA GLY A 152 -7.63 -2.25 -20.40
C GLY A 152 -8.60 -3.39 -20.61
N LYS A 153 -8.20 -4.55 -20.09
CA LYS A 153 -9.05 -5.74 -20.20
C LYS A 153 -10.21 -5.56 -19.24
N ALA A 154 -11.07 -6.59 -19.26
CA ALA A 154 -12.24 -6.59 -18.37
C ALA A 154 -11.73 -6.50 -16.92
N GLY A 155 -12.52 -5.70 -16.21
CA GLY A 155 -12.26 -5.42 -14.81
C GLY A 155 -11.84 -3.95 -14.67
N ALA A 156 -12.01 -3.13 -15.70
CA ALA A 156 -11.68 -1.69 -15.67
C ALA A 156 -12.60 -0.98 -16.68
N SER A 157 -12.86 0.29 -16.46
CA SER A 157 -13.74 1.07 -17.32
C SER A 157 -12.98 2.00 -18.26
N SER A 158 -13.53 2.11 -19.45
CA SER A 158 -13.05 2.96 -20.52
C SER A 158 -13.65 4.37 -20.50
N SER A 159 -14.64 4.55 -19.61
CA SER A 159 -15.28 5.84 -19.46
C SER A 159 -14.58 6.71 -18.42
N PRO A 160 -14.15 7.91 -18.82
CA PRO A 160 -13.46 8.83 -17.92
C PRO A 160 -14.20 9.13 -16.64
N CYS A 161 -15.55 9.13 -16.72
CA CYS A 161 -16.38 9.41 -15.55
C CYS A 161 -16.56 8.23 -14.58
N SER A 162 -16.13 7.04 -14.98
CA SER A 162 -16.23 5.86 -14.13
C SER A 162 -15.29 5.92 -12.95
N GLU A 163 -15.67 5.32 -11.83
CA GLU A 163 -14.80 5.24 -10.63
C GLU A 163 -13.61 4.30 -10.88
N THR A 164 -13.74 3.45 -11.85
CA THR A 164 -12.72 2.46 -12.24
C THR A 164 -12.09 2.73 -13.60
N TYR A 165 -12.11 4.04 -13.95
CA TYR A 165 -11.48 4.41 -15.24
C TYR A 165 -10.01 4.05 -15.28
N HIS A 166 -9.55 3.31 -16.27
CA HIS A 166 -8.14 2.91 -16.37
C HIS A 166 -7.17 3.97 -16.95
N GLY A 167 -7.66 5.06 -17.50
CA GLY A 167 -6.74 6.07 -18.06
C GLY A 167 -6.45 5.77 -19.52
N LYS A 168 -5.68 6.72 -20.11
CA LYS A 168 -5.40 6.58 -21.55
C LYS A 168 -4.55 5.40 -21.94
N TYR A 169 -3.54 5.14 -21.13
CA TYR A 169 -2.63 4.00 -21.43
C TYR A 169 -1.98 3.59 -20.12
N ALA A 170 -1.42 2.37 -20.14
CA ALA A 170 -0.76 1.85 -18.94
C ALA A 170 0.26 2.90 -18.46
N ASN A 171 0.28 3.14 -17.15
CA ASN A 171 1.24 4.07 -16.58
C ASN A 171 1.09 5.53 -16.98
N SER A 172 -0.09 5.90 -17.44
CA SER A 172 -0.32 7.32 -17.77
C SER A 172 -0.25 8.20 -16.50
N GLU A 173 -0.63 7.65 -15.34
CA GLU A 173 -0.65 8.43 -14.11
C GLU A 173 0.78 8.50 -13.53
N VAL A 174 1.20 9.74 -13.28
CA VAL A 174 2.56 9.97 -12.74
C VAL A 174 2.72 9.30 -11.38
N GLU A 175 1.62 9.17 -10.66
CA GLU A 175 1.72 8.50 -9.34
C GLU A 175 2.08 7.03 -9.49
N VAL A 176 1.68 6.44 -10.62
CA VAL A 176 1.95 5.03 -10.94
C VAL A 176 3.34 4.89 -11.57
N LYS A 177 3.57 5.70 -12.58
CA LYS A 177 4.89 5.62 -13.26
C LYS A 177 6.02 5.86 -12.27
N SER A 178 5.81 6.74 -11.30
CA SER A 178 6.89 7.01 -10.30
C SER A 178 7.32 5.75 -9.58
N ILE A 179 6.32 4.93 -9.23
CA ILE A 179 6.61 3.65 -8.53
C ILE A 179 7.26 2.65 -9.48
N VAL A 180 6.66 2.50 -10.66
CA VAL A 180 7.21 1.60 -11.67
C VAL A 180 8.71 1.90 -11.94
N ASP A 181 9.07 3.15 -12.20
CA ASP A 181 10.49 3.45 -12.47
C ASP A 181 11.41 3.12 -11.31
N PHE A 182 10.96 3.49 -10.11
CA PHE A 182 11.73 3.25 -8.90
C PHE A 182 11.98 1.78 -8.63
N VAL A 183 10.95 0.98 -8.71
CA VAL A 183 11.09 -0.48 -8.48
C VAL A 183 11.91 -1.13 -9.57
N LYS A 184 11.73 -0.75 -10.84
CA LYS A 184 12.49 -1.27 -11.98
C LYS A 184 13.96 -0.90 -11.82
N ASP A 185 14.20 0.36 -11.47
CA ASP A 185 15.60 0.79 -11.27
C ASP A 185 16.24 0.04 -10.11
N HIS A 186 15.57 -0.19 -9.00
CA HIS A 186 16.13 -0.87 -7.82
C HIS A 186 16.50 -2.30 -8.20
N GLY A 187 15.56 -2.99 -8.84
CA GLY A 187 15.75 -4.35 -9.28
C GLY A 187 15.94 -5.40 -8.19
N ASN A 188 15.89 -5.07 -6.90
CA ASN A 188 16.08 -6.08 -5.86
C ASN A 188 14.92 -6.12 -4.87
N PHE A 189 13.70 -5.93 -5.41
CA PHE A 189 12.53 -6.04 -4.52
C PHE A 189 12.14 -7.51 -4.41
N LYS A 190 11.87 -8.01 -3.19
CA LYS A 190 11.47 -9.42 -3.04
C LYS A 190 10.00 -9.51 -2.68
N ALA A 191 9.43 -8.45 -2.12
CA ALA A 191 7.98 -8.48 -1.75
C ALA A 191 7.39 -7.11 -2.13
N PHE A 192 6.10 -7.15 -2.46
CA PHE A 192 5.38 -5.95 -2.87
C PHE A 192 3.97 -6.03 -2.28
N LEU A 193 3.69 -5.15 -1.33
CA LEU A 193 2.39 -5.18 -0.66
C LEU A 193 1.67 -3.86 -0.90
N SER A 194 0.42 -3.94 -1.29
CA SER A 194 -0.41 -2.75 -1.59
C SER A 194 -1.63 -2.80 -0.70
N ILE A 195 -1.85 -1.78 0.14
CA ILE A 195 -2.94 -1.81 1.11
C ILE A 195 -4.11 -0.92 0.73
N HIS A 196 -5.27 -1.55 0.91
CA HIS A 196 -6.56 -0.89 0.61
C HIS A 196 -7.58 -1.12 1.72
N SER A 197 -8.79 -0.63 1.56
CA SER A 197 -9.88 -0.94 2.49
C SER A 197 -11.13 -0.84 1.59
N TYR A 198 -12.26 -1.45 1.98
CA TYR A 198 -12.46 -2.29 3.16
C TYR A 198 -12.94 -3.65 2.66
N SER A 199 -13.05 -4.65 3.48
CA SER A 199 -13.58 -5.98 3.20
C SER A 199 -12.91 -7.10 3.98
N GLN A 200 -11.73 -6.85 4.56
CA GLN A 200 -11.02 -7.89 5.30
C GLN A 200 -10.68 -9.09 4.46
N LEU A 201 -9.80 -8.82 3.49
CA LEU A 201 -9.29 -9.82 2.57
C LEU A 201 -7.77 -9.73 2.40
N LEU A 202 -7.16 -10.85 2.10
CA LEU A 202 -5.71 -10.93 1.82
C LEU A 202 -5.71 -11.59 0.44
N LEU A 203 -5.28 -10.86 -0.57
CA LEU A 203 -5.29 -11.33 -1.96
C LEU A 203 -3.93 -11.46 -2.63
N TYR A 204 -3.81 -12.43 -3.53
CA TYR A 204 -2.59 -12.64 -4.32
C TYR A 204 -3.06 -12.67 -5.79
N PRO A 205 -2.10 -12.63 -6.68
CA PRO A 205 -2.43 -12.60 -8.12
C PRO A 205 -3.12 -13.87 -8.63
N TYR A 206 -3.88 -13.78 -9.73
CA TYR A 206 -4.11 -12.57 -10.50
C TYR A 206 -5.55 -12.08 -10.41
N GLY A 207 -5.73 -10.83 -10.87
CA GLY A 207 -7.06 -10.22 -10.98
C GLY A 207 -7.49 -10.14 -12.45
N TYR A 208 -6.53 -10.04 -13.41
CA TYR A 208 -6.92 -9.83 -14.80
C TYR A 208 -7.15 -11.07 -15.65
N THR A 209 -6.70 -12.19 -15.15
CA THR A 209 -6.75 -13.49 -15.84
C THR A 209 -7.15 -14.57 -14.86
N THR A 210 -7.81 -15.59 -15.41
CA THR A 210 -8.23 -16.79 -14.69
C THR A 210 -7.03 -17.71 -14.55
N GLN A 211 -5.95 -17.50 -15.27
CA GLN A 211 -4.77 -18.35 -15.15
C GLN A 211 -4.21 -18.32 -13.73
N SER A 212 -3.82 -19.47 -13.19
CA SER A 212 -3.22 -19.66 -11.88
C SER A 212 -1.74 -19.29 -11.89
N ILE A 213 -1.29 -18.56 -10.87
CA ILE A 213 0.18 -18.32 -10.85
C ILE A 213 0.93 -19.61 -10.50
N PRO A 214 2.16 -19.75 -11.00
CA PRO A 214 3.01 -20.92 -10.72
C PRO A 214 3.32 -21.13 -9.24
N ASP A 215 3.26 -20.04 -8.47
CA ASP A 215 3.55 -20.08 -7.02
C ASP A 215 2.34 -20.13 -6.14
N LYS A 216 1.21 -20.57 -6.73
CA LYS A 216 -0.03 -20.60 -5.96
C LYS A 216 0.02 -21.33 -4.63
N THR A 217 0.61 -22.53 -4.56
CA THR A 217 0.63 -23.28 -3.30
C THR A 217 1.34 -22.52 -2.18
N GLU A 218 2.52 -22.00 -2.53
CA GLU A 218 3.29 -21.26 -1.54
C GLU A 218 2.58 -19.97 -1.09
N LEU A 219 2.11 -19.19 -2.09
CA LEU A 219 1.46 -17.92 -1.71
C LEU A 219 0.20 -18.19 -0.89
N ASN A 220 -0.51 -19.28 -1.23
CA ASN A 220 -1.70 -19.61 -0.48
C ASN A 220 -1.37 -19.96 0.97
N GLN A 221 -0.27 -20.70 1.16
CA GLN A 221 0.14 -21.10 2.49
C GLN A 221 0.59 -19.85 3.26
N VAL A 222 1.31 -18.94 2.58
CA VAL A 222 1.73 -17.72 3.28
C VAL A 222 0.51 -16.89 3.70
N ALA A 223 -0.47 -16.78 2.81
CA ALA A 223 -1.68 -16.01 3.10
C ALA A 223 -2.41 -16.61 4.30
N LYS A 224 -2.52 -17.95 4.28
CA LYS A 224 -3.21 -18.61 5.39
C LYS A 224 -2.54 -18.27 6.72
N SER A 225 -1.21 -18.36 6.74
CA SER A 225 -0.44 -18.08 7.95
C SER A 225 -0.57 -16.61 8.38
N ALA A 226 -0.59 -15.73 7.38
CA ALA A 226 -0.70 -14.30 7.74
C ALA A 226 -2.08 -13.95 8.32
N VAL A 227 -3.12 -14.59 7.76
CA VAL A 227 -4.48 -14.31 8.29
C VAL A 227 -4.64 -14.91 9.70
N GLU A 228 -3.96 -16.05 9.93
CA GLU A 228 -4.07 -16.63 11.27
C GLU A 228 -3.40 -15.71 12.28
N ALA A 229 -2.23 -15.16 11.91
CA ALA A 229 -1.52 -14.22 12.77
C ALA A 229 -2.32 -12.96 13.10
N LEU A 230 -2.87 -12.36 12.05
CA LEU A 230 -3.69 -11.16 12.16
C LEU A 230 -4.90 -11.42 13.07
N LYS A 231 -5.57 -12.55 12.87
CA LYS A 231 -6.76 -12.85 13.68
C LYS A 231 -6.47 -13.02 15.14
N SER A 232 -5.24 -13.42 15.46
CA SER A 232 -4.87 -13.69 16.85
C SER A 232 -5.05 -12.62 17.89
N LEU A 233 -5.02 -11.35 17.49
CA LEU A 233 -5.13 -10.24 18.45
C LEU A 233 -6.52 -9.87 18.87
N TYR A 234 -7.41 -9.61 17.92
CA TYR A 234 -8.78 -9.19 18.16
C TYR A 234 -9.85 -10.09 17.58
N GLY A 235 -9.44 -11.15 16.90
CA GLY A 235 -10.40 -12.08 16.28
C GLY A 235 -10.96 -11.62 14.94
N THR A 236 -10.32 -10.64 14.33
CA THR A 236 -10.74 -10.11 13.01
C THR A 236 -10.48 -11.20 11.97
N SER A 237 -11.59 -11.51 11.29
CA SER A 237 -11.62 -12.59 10.29
C SER A 237 -11.45 -12.13 8.84
N TYR A 238 -10.40 -12.66 8.23
CA TYR A 238 -10.09 -12.34 6.85
C TYR A 238 -10.25 -13.55 5.96
N LYS A 239 -10.58 -13.32 4.70
CA LYS A 239 -10.64 -14.40 3.72
C LYS A 239 -9.38 -14.17 2.87
N TYR A 240 -8.97 -15.19 2.13
CA TYR A 240 -7.79 -15.04 1.27
C TYR A 240 -7.96 -15.89 0.00
N GLY A 241 -7.25 -15.50 -1.04
CA GLY A 241 -7.29 -16.21 -2.31
C GLY A 241 -6.84 -15.25 -3.39
N SER A 242 -6.87 -15.72 -4.62
CA SER A 242 -6.48 -14.85 -5.76
C SER A 242 -7.56 -13.80 -5.91
N ILE A 243 -7.17 -12.66 -6.53
CA ILE A 243 -8.16 -11.55 -6.70
C ILE A 243 -9.43 -11.95 -7.46
N ILE A 244 -9.18 -12.56 -8.62
CA ILE A 244 -10.31 -12.93 -9.50
C ILE A 244 -11.25 -13.88 -8.82
N THR A 245 -10.75 -14.85 -8.07
CA THR A 245 -11.66 -15.81 -7.41
C THR A 245 -12.29 -15.29 -6.14
N THR A 246 -11.68 -14.31 -5.50
CA THR A 246 -12.15 -13.82 -4.23
C THR A 246 -12.94 -12.53 -4.24
N ILE A 247 -12.51 -11.55 -4.99
CA ILE A 247 -13.23 -10.24 -4.99
C ILE A 247 -13.92 -10.15 -6.32
N TYR A 248 -13.26 -9.89 -7.42
CA TYR A 248 -13.79 -9.78 -8.75
C TYR A 248 -12.65 -9.71 -9.78
N GLN A 249 -13.00 -9.78 -11.05
CA GLN A 249 -12.04 -9.59 -12.12
C GLN A 249 -11.68 -8.09 -12.06
N ALA A 250 -10.40 -7.77 -12.05
CA ALA A 250 -9.90 -6.39 -12.00
C ALA A 250 -8.65 -6.38 -12.87
N SER A 251 -8.53 -5.52 -13.85
CA SER A 251 -7.37 -5.42 -14.72
C SER A 251 -6.57 -4.14 -14.39
N GLY A 252 -5.26 -4.27 -14.65
CA GLY A 252 -4.30 -3.17 -14.43
C GLY A 252 -3.96 -2.93 -12.95
N GLY A 253 -4.08 -3.94 -12.10
CA GLY A 253 -3.80 -3.77 -10.68
C GLY A 253 -2.32 -3.96 -10.43
N SER A 254 -1.90 -3.29 -9.34
CA SER A 254 -0.46 -3.27 -9.04
C SER A 254 0.23 -4.55 -8.73
N ILE A 255 -0.45 -5.39 -7.96
CA ILE A 255 0.20 -6.68 -7.56
C ILE A 255 0.28 -7.64 -8.75
N ASP A 256 -0.54 -7.50 -9.76
CA ASP A 256 -0.44 -8.36 -10.97
C ASP A 256 0.81 -7.92 -11.71
N TRP A 257 1.02 -6.59 -11.74
CA TRP A 257 2.24 -6.07 -12.38
C TRP A 257 3.50 -6.50 -11.65
N SER A 258 3.53 -6.33 -10.31
CA SER A 258 4.73 -6.66 -9.54
C SER A 258 5.07 -8.15 -9.67
N TYR A 259 4.05 -8.99 -9.59
CA TYR A 259 4.32 -10.43 -9.73
C TYR A 259 4.91 -10.73 -11.10
N ASN A 260 4.41 -10.08 -12.14
CA ASN A 260 4.91 -10.30 -13.52
C ASN A 260 6.32 -9.78 -13.70
N GLN A 261 6.79 -8.95 -12.80
CA GLN A 261 8.15 -8.44 -12.82
C GLN A 261 9.04 -9.46 -12.06
N GLY A 262 8.55 -10.53 -11.50
CA GLY A 262 9.32 -11.51 -10.77
C GLY A 262 9.33 -11.31 -9.26
N ILE A 263 8.51 -10.39 -8.72
CA ILE A 263 8.47 -10.12 -7.26
C ILE A 263 7.40 -11.08 -6.78
N LYS A 264 7.91 -12.22 -6.32
CA LYS A 264 7.06 -13.32 -5.93
C LYS A 264 6.05 -13.03 -4.85
N TYR A 265 6.47 -12.38 -3.77
CA TYR A 265 5.57 -12.15 -2.65
C TYR A 265 4.79 -10.86 -2.85
N SER A 266 3.78 -10.97 -3.72
CA SER A 266 2.94 -9.81 -4.10
C SER A 266 1.55 -10.03 -3.54
N PHE A 267 1.16 -9.18 -2.60
CA PHE A 267 -0.12 -9.30 -1.93
C PHE A 267 -0.82 -7.96 -1.72
N THR A 268 -2.14 -8.01 -1.66
CA THR A 268 -2.94 -6.83 -1.33
C THR A 268 -3.74 -7.15 -0.07
N PHE A 269 -3.76 -6.25 0.88
CA PHE A 269 -4.60 -6.38 2.07
C PHE A 269 -5.79 -5.40 1.90
N GLU A 270 -7.01 -5.85 2.20
CA GLU A 270 -8.22 -5.02 2.19
C GLU A 270 -8.55 -4.97 3.71
N LEU A 271 -8.34 -3.84 4.36
CA LEU A 271 -8.51 -3.69 5.79
C LEU A 271 -9.98 -3.62 6.27
N ARG A 272 -10.13 -3.41 7.57
CA ARG A 272 -11.47 -3.35 8.17
C ARG A 272 -12.30 -2.26 7.53
N ASP A 273 -13.65 -2.30 7.58
CA ASP A 273 -14.39 -3.41 8.23
C ASP A 273 -15.03 -4.22 7.10
N THR A 274 -16.25 -4.73 7.39
CA THR A 274 -16.92 -5.51 6.33
C THR A 274 -18.17 -4.77 5.82
N GLY A 275 -18.30 -3.49 6.18
CA GLY A 275 -19.45 -2.72 5.72
C GLY A 275 -20.19 -1.91 6.73
N ARG A 276 -20.10 -2.23 8.03
CA ARG A 276 -20.83 -1.38 8.98
C ARG A 276 -20.48 0.10 8.81
N TYR A 277 -19.18 0.41 8.74
CA TYR A 277 -18.77 1.81 8.54
C TYR A 277 -18.12 2.05 7.16
N GLY A 278 -17.56 0.99 6.62
CA GLY A 278 -16.93 1.01 5.30
C GLY A 278 -15.75 1.99 5.27
N PHE A 279 -15.79 2.94 4.33
CA PHE A 279 -14.65 3.88 4.24
C PHE A 279 -14.55 4.84 5.41
N LEU A 280 -15.68 5.05 6.11
CA LEU A 280 -15.71 5.99 7.22
C LEU A 280 -15.52 5.29 8.55
N LEU A 281 -14.48 4.46 8.62
CA LEU A 281 -14.18 3.72 9.85
C LEU A 281 -13.83 4.70 10.99
N PRO A 282 -14.48 4.49 12.14
CA PRO A 282 -14.23 5.36 13.31
C PRO A 282 -12.75 5.43 13.69
N ALA A 283 -12.33 6.62 14.12
CA ALA A 283 -10.93 6.87 14.55
C ALA A 283 -10.55 5.89 15.67
N SER A 284 -11.53 5.45 16.43
CA SER A 284 -11.31 4.50 17.51
C SER A 284 -10.81 3.13 17.05
N GLN A 285 -10.96 2.84 15.76
CA GLN A 285 -10.46 1.55 15.21
C GLN A 285 -9.09 1.61 14.54
N ILE A 286 -8.51 2.80 14.47
CA ILE A 286 -7.22 2.97 13.85
C ILE A 286 -6.12 2.08 14.46
N ILE A 287 -5.89 2.23 15.76
CA ILE A 287 -4.80 1.46 16.40
C ILE A 287 -4.99 -0.04 16.36
N PRO A 288 -6.19 -0.52 16.72
CA PRO A 288 -6.41 -1.99 16.67
C PRO A 288 -6.21 -2.53 15.26
N THR A 289 -6.69 -1.75 14.27
CA THR A 289 -6.50 -2.21 12.88
C THR A 289 -5.01 -2.31 12.52
N ALA A 290 -4.28 -1.23 12.91
CA ALA A 290 -2.85 -1.18 12.59
C ALA A 290 -2.09 -2.34 13.27
N GLN A 291 -2.41 -2.50 14.55
CA GLN A 291 -1.71 -3.58 15.29
C GLN A 291 -1.91 -4.95 14.73
N GLU A 292 -3.19 -5.30 14.43
CA GLU A 292 -3.41 -6.65 13.87
C GLU A 292 -2.82 -6.74 12.46
N THR A 293 -2.94 -5.68 11.63
CA THR A 293 -2.39 -5.74 10.25
C THR A 293 -0.85 -5.97 10.29
N TRP A 294 -0.20 -5.33 11.28
CA TRP A 294 1.24 -5.53 11.46
C TRP A 294 1.54 -7.03 11.62
N LEU A 295 0.77 -7.78 12.41
CA LEU A 295 1.11 -9.22 12.56
C LEU A 295 1.02 -9.96 11.22
N GLY A 296 0.02 -9.56 10.43
CA GLY A 296 -0.10 -10.17 9.09
C GLY A 296 1.10 -9.83 8.20
N VAL A 297 1.48 -8.55 8.17
CA VAL A 297 2.62 -8.10 7.33
C VAL A 297 3.94 -8.73 7.80
N LEU A 298 4.11 -8.75 9.13
CA LEU A 298 5.36 -9.30 9.67
C LEU A 298 5.53 -10.76 9.27
N THR A 299 4.39 -11.49 9.24
CA THR A 299 4.41 -12.92 8.84
C THR A 299 4.94 -13.05 7.42
N ILE A 300 4.42 -12.19 6.54
CA ILE A 300 4.91 -12.26 5.14
C ILE A 300 6.40 -11.90 5.05
N MET A 301 6.81 -10.89 5.82
CA MET A 301 8.23 -10.48 5.77
C MET A 301 9.14 -11.61 6.24
N GLU A 302 8.66 -12.31 7.25
CA GLU A 302 9.49 -13.43 7.79
C GLU A 302 9.69 -14.51 6.75
N HIS A 303 8.63 -14.76 5.97
CA HIS A 303 8.75 -15.80 4.96
C HIS A 303 9.70 -15.39 3.88
N THR A 304 9.67 -14.09 3.57
CA THR A 304 10.48 -13.50 2.53
C THR A 304 11.96 -13.61 2.87
N LEU A 305 12.24 -13.31 4.11
CA LEU A 305 13.64 -13.32 4.60
C LEU A 305 14.22 -14.70 4.47
N ASN A 306 13.38 -15.70 4.71
CA ASN A 306 13.80 -17.10 4.64
C ASN A 306 13.66 -17.84 3.32
N ASN A 307 12.90 -17.33 2.37
CA ASN A 307 12.69 -18.02 1.09
C ASN A 307 12.81 -17.11 -0.14
ZN ZN B . -8.78 0.54 -2.77
OA HFA C . -9.74 -3.24 -4.01
CA HFA C . -9.05 -3.43 -4.99
C HFA C . -9.45 -2.56 -6.18
O HFA C . -8.45 -1.88 -6.49
CB HFA C . -8.99 -4.91 -5.39
CG HFA C . -7.69 -5.15 -6.09
CD1 HFA C . -7.71 -5.22 -7.51
CD2 HFA C . -6.43 -5.37 -5.51
CE1 HFA C . -6.55 -5.47 -8.26
CE2 HFA C . -5.26 -5.60 -6.23
CZ HFA C . -5.32 -5.66 -7.62
OXT HFA C . -10.57 -2.61 -6.75
#